data_4IXT
#
_entry.id   4IXT
#
_cell.length_a   104.682
_cell.length_b   104.682
_cell.length_c   121.191
_cell.angle_alpha   90.00
_cell.angle_beta   90.00
_cell.angle_gamma   90.00
#
_symmetry.space_group_name_H-M   'P 43 21 2'
#
loop_
_entity.id
_entity.type
_entity.pdbx_description
1 polymer 'Halohydrin dehalogenase'
2 non-polymer 'ethyl (3R)-4-cyano-3-hydroxybutanoate'
3 non-polymer 'CHLORIDE ION'
4 water water
#
_entity_poly.entity_id   1
_entity_poly.type   'polypeptide(L)'
_entity_poly.pdbx_seq_one_letter_code
;MSTAIVTNVKHFGGMGSALRLSEAGHTVACHDESFKHQDELEAFAETYPQLIPMSEQEPVELIEAVTSALGHVDILVSND
IAPVEWRPIDKYAVEDYRDMVEALQIKPFALANAVASQMKRRKSGHIIFITSAASFGPWKELSTYASARAGASALANALS
KELGEHNIPVFAIAPNGVDSGDSPYYYPSEPWKTSPEHVAWVRKYTALQRLGTQKELGELVTFLASGSCDYLTGQVFWLA
GGFPVVERWPGMPE
;
_entity_poly.pdbx_strand_id   A,B
#
# COMPACT_ATOMS: atom_id res chain seq x y z
N SER A 2 -11.27 1.63 30.37
CA SER A 2 -10.80 1.68 28.96
C SER A 2 -9.88 2.89 28.77
N THR A 3 -8.65 2.63 28.31
CA THR A 3 -7.67 3.67 27.98
C THR A 3 -7.38 3.74 26.47
N ALA A 4 -7.44 4.95 25.91
CA ALA A 4 -7.24 5.16 24.47
C ALA A 4 -5.97 5.98 24.22
N ILE A 5 -5.24 5.65 23.15
CA ILE A 5 -4.25 6.56 22.57
C ILE A 5 -4.70 7.13 21.21
N VAL A 6 -4.72 8.46 21.11
CA VAL A 6 -4.90 9.16 19.84
C VAL A 6 -3.64 9.93 19.48
N THR A 7 -3.10 9.70 18.28
CA THR A 7 -1.88 10.38 17.82
C THR A 7 -2.17 11.63 16.97
N ASN A 8 -1.13 12.44 16.81
CA ASN A 8 -1.22 13.73 16.14
C ASN A 8 -2.51 14.47 16.39
N VAL A 9 -2.78 14.75 17.65
CA VAL A 9 -4.14 15.06 18.08
C VAL A 9 -4.63 16.44 17.59
N LYS A 10 -3.70 17.28 17.14
CA LYS A 10 -4.09 18.61 16.68
C LYS A 10 -4.54 18.62 15.20
N HIS A 11 -4.31 17.50 14.51
CA HIS A 11 -4.50 17.46 13.07
C HIS A 11 -5.53 16.44 12.62
N PHE A 12 -6.11 16.67 11.44
CA PHE A 12 -6.79 15.60 10.70
C PHE A 12 -8.01 15.13 11.51
N GLY A 13 -7.99 13.89 12.02
CA GLY A 13 -9.12 13.38 12.79
C GLY A 13 -8.82 13.35 14.29
N GLY A 14 -7.82 14.11 14.70
CA GLY A 14 -7.31 14.00 16.05
C GLY A 14 -8.33 14.40 17.09
N MET A 15 -8.91 15.58 16.88
CA MET A 15 -9.71 16.24 17.90
C MET A 15 -11.10 15.64 17.94
N GLY A 16 -11.69 15.43 16.77
CA GLY A 16 -12.90 14.62 16.68
C GLY A 16 -12.78 13.30 17.43
N SER A 17 -11.69 12.57 17.22
CA SER A 17 -11.46 11.30 17.92
C SER A 17 -11.34 11.46 19.45
N ALA A 18 -10.42 12.32 19.87
CA ALA A 18 -10.16 12.49 21.32
C ALA A 18 -11.39 12.99 22.08
N LEU A 19 -12.01 14.03 21.55
CA LEU A 19 -13.09 14.69 22.27
C LEU A 19 -14.29 13.76 22.41
N ARG A 20 -14.61 13.03 21.35
CA ARG A 20 -15.74 12.12 21.36
C ARG A 20 -15.48 10.81 22.14
N LEU A 21 -14.27 10.29 22.07
CA LEU A 21 -13.90 9.14 22.91
C LEU A 21 -14.11 9.50 24.38
N SER A 22 -13.75 10.74 24.72
CA SER A 22 -13.74 11.17 26.11
C SER A 22 -15.14 11.49 26.62
N GLU A 23 -15.97 12.08 25.76
CA GLU A 23 -17.39 12.21 26.06
C GLU A 23 -17.99 10.86 26.41
N ALA A 24 -17.51 9.80 25.77
CA ALA A 24 -18.11 8.47 25.93
C ALA A 24 -17.64 7.81 27.22
N GLY A 25 -16.50 8.27 27.74
CA GLY A 25 -15.99 7.79 29.02
C GLY A 25 -14.68 7.04 28.98
N HIS A 26 -14.06 6.94 27.81
CA HIS A 26 -12.68 6.45 27.75
C HIS A 26 -11.77 7.42 28.50
N THR A 27 -10.64 6.92 29.00
CA THR A 27 -9.56 7.79 29.41
C THR A 27 -8.60 7.99 28.23
N VAL A 28 -8.44 9.24 27.78
CA VAL A 28 -7.81 9.50 26.50
C VAL A 28 -6.44 10.18 26.63
N ALA A 29 -5.37 9.42 26.39
CA ALA A 29 -4.01 9.95 26.26
C ALA A 29 -3.72 10.41 24.82
N CYS A 30 -3.16 11.61 24.66
CA CYS A 30 -2.99 12.22 23.34
C CYS A 30 -1.52 12.48 23.02
N HIS A 31 -1.12 12.13 21.80
CA HIS A 31 0.22 12.39 21.28
C HIS A 31 0.15 13.53 20.27
N ASP A 32 1.13 14.42 20.32
CA ASP A 32 1.36 15.37 19.22
C ASP A 32 2.83 15.77 19.14
N GLU A 33 3.24 16.22 17.96
CA GLU A 33 4.65 16.54 17.72
C GLU A 33 5.01 17.78 18.52
N SER A 34 4.07 18.71 18.59
CA SER A 34 4.25 19.93 19.34
C SER A 34 4.43 19.68 20.84
N PHE A 35 4.07 18.48 21.30
CA PHE A 35 4.18 18.18 22.74
C PHE A 35 5.63 17.94 23.13
N LYS A 36 6.52 17.88 22.14
CA LYS A 36 7.95 18.06 22.38
C LYS A 36 8.16 19.18 23.40
N HIS A 37 7.34 20.23 23.28
CA HIS A 37 7.59 21.48 23.99
C HIS A 37 6.60 21.66 25.14
N GLN A 38 7.13 21.74 26.36
CA GLN A 38 6.29 21.79 27.55
C GLN A 38 5.30 22.96 27.56
N ASP A 39 5.72 24.08 26.98
CA ASP A 39 4.83 25.24 26.81
C ASP A 39 3.56 24.87 26.02
N GLU A 40 3.72 24.07 24.97
CA GLU A 40 2.61 23.64 24.14
C GLU A 40 1.79 22.58 24.85
N LEU A 41 2.48 21.62 25.47
CA LEU A 41 1.83 20.55 26.24
C LEU A 41 0.81 21.11 27.23
N GLU A 42 1.25 22.07 28.03
CA GLU A 42 0.48 22.45 29.21
C GLU A 42 -0.64 23.41 28.84
N ALA A 43 -0.46 24.12 27.72
CA ALA A 43 -1.54 24.90 27.13
C ALA A 43 -2.69 24.02 26.61
N PHE A 44 -2.35 22.88 26.02
CA PHE A 44 -3.36 21.89 25.60
C PHE A 44 -4.07 21.27 26.81
N ALA A 45 -3.29 20.89 27.83
CA ALA A 45 -3.85 20.31 29.06
C ALA A 45 -4.84 21.28 29.71
N GLU A 46 -4.41 22.53 29.88
CA GLU A 46 -5.27 23.61 30.35
C GLU A 46 -6.50 23.81 29.46
N THR A 47 -6.30 23.91 28.15
CA THR A 47 -7.45 24.10 27.24
C THR A 47 -8.46 22.93 27.30
N TYR A 48 -7.94 21.72 27.53
CA TYR A 48 -8.77 20.52 27.51
C TYR A 48 -8.43 19.63 28.70
N PRO A 49 -9.04 19.92 29.85
CA PRO A 49 -8.67 19.23 31.09
C PRO A 49 -9.12 17.77 31.13
N GLN A 50 -10.07 17.39 30.27
CA GLN A 50 -10.47 15.96 30.17
C GLN A 50 -9.41 15.06 29.52
N LEU A 51 -8.57 15.66 28.67
CA LEU A 51 -7.60 14.91 27.87
C LEU A 51 -6.24 14.86 28.58
N ILE A 52 -5.48 13.81 28.34
CA ILE A 52 -4.15 13.68 28.94
C ILE A 52 -3.08 13.71 27.85
N PRO A 53 -2.40 14.85 27.69
CA PRO A 53 -1.31 14.98 26.74
C PRO A 53 -0.05 14.24 27.20
N MET A 54 0.67 13.62 26.27
CA MET A 54 1.94 12.99 26.58
C MET A 54 3.08 13.71 25.85
N SER A 55 4.30 13.58 26.34
CA SER A 55 5.42 14.24 25.68
C SER A 55 6.09 13.27 24.72
N GLU A 56 6.04 11.99 25.04
CA GLU A 56 6.70 10.96 24.24
C GLU A 56 6.36 11.07 22.76
N GLN A 57 7.34 10.79 21.90
CA GLN A 57 7.18 10.98 20.46
C GLN A 57 7.22 9.67 19.68
N GLU A 58 8.06 8.74 20.12
CA GLU A 58 8.28 7.50 19.39
C GLU A 58 7.39 6.39 19.93
N PRO A 59 7.01 5.43 19.05
CA PRO A 59 6.00 4.41 19.35
C PRO A 59 6.25 3.59 20.61
N VAL A 60 7.44 3.02 20.76
CA VAL A 60 7.73 2.18 21.91
C VAL A 60 7.71 3.03 23.18
N GLU A 61 8.50 4.10 23.15
CA GLU A 61 8.41 5.18 24.13
C GLU A 61 6.94 5.44 24.55
N LEU A 62 6.11 5.81 23.59
CA LEU A 62 4.78 6.32 23.89
C LEU A 62 3.89 5.26 24.55
N ILE A 63 3.91 4.04 24.02
CA ILE A 63 3.06 2.98 24.54
C ILE A 63 3.38 2.72 26.01
N GLU A 64 4.68 2.60 26.32
CA GLU A 64 5.15 2.28 27.67
C GLU A 64 4.83 3.36 28.71
N ALA A 65 4.99 4.62 28.32
CA ALA A 65 4.59 5.71 29.19
C ALA A 65 3.09 5.66 29.51
N VAL A 66 2.28 5.42 28.49
CA VAL A 66 0.85 5.41 28.67
C VAL A 66 0.47 4.24 29.57
N THR A 67 1.06 3.10 29.26
CA THR A 67 0.85 1.89 30.05
C THR A 67 1.19 2.13 31.52
N SER A 68 2.36 2.71 31.79
CA SER A 68 2.76 2.96 33.17
C SER A 68 1.86 3.99 33.85
N ALA A 69 1.65 5.13 33.19
CA ALA A 69 0.81 6.19 33.75
C ALA A 69 -0.64 5.76 33.98
N LEU A 70 -1.14 4.84 33.17
CA LEU A 70 -2.60 4.66 33.06
C LEU A 70 -3.05 3.21 33.03
N GLY A 71 -2.11 2.28 33.01
CA GLY A 71 -2.43 0.89 33.35
C GLY A 71 -2.46 -0.11 32.18
N HIS A 72 -2.74 0.38 30.97
CA HIS A 72 -2.84 -0.50 29.81
C HIS A 72 -3.54 0.22 28.68
N VAL A 73 -3.31 -0.24 27.45
CA VAL A 73 -3.88 0.41 26.28
C VAL A 73 -4.96 -0.45 25.66
N ASP A 74 -6.19 0.04 25.65
CA ASP A 74 -7.31 -0.73 25.13
C ASP A 74 -7.61 -0.38 23.69
N ILE A 75 -7.53 0.91 23.38
CA ILE A 75 -7.87 1.43 22.08
C ILE A 75 -6.72 2.26 21.50
N LEU A 76 -6.24 1.83 20.32
CA LEU A 76 -5.21 2.55 19.58
C LEU A 76 -5.82 3.24 18.35
N VAL A 77 -5.80 4.57 18.31
CA VAL A 77 -6.21 5.33 17.12
C VAL A 77 -4.99 5.95 16.47
N SER A 78 -4.48 5.31 15.43
CA SER A 78 -3.32 5.79 14.72
C SER A 78 -3.74 6.79 13.65
N ASN A 79 -3.57 8.08 13.96
CA ASN A 79 -4.11 9.21 13.16
C ASN A 79 -2.96 9.86 12.37
N ASP A 80 -2.63 9.26 11.23
CA ASP A 80 -1.35 9.52 10.59
C ASP A 80 -1.42 10.65 9.55
N ILE A 81 -0.38 11.48 9.51
CA ILE A 81 -0.34 12.67 8.65
C ILE A 81 0.99 12.74 7.89
N ALA A 82 0.93 13.36 6.72
CA ALA A 82 2.14 13.86 6.04
C ALA A 82 1.64 14.89 5.06
N PRO A 83 2.46 15.89 4.73
CA PRO A 83 2.01 16.81 3.68
C PRO A 83 1.99 16.12 2.31
N VAL A 84 0.93 16.36 1.55
CA VAL A 84 0.82 15.81 0.20
C VAL A 84 1.63 16.66 -0.76
N GLU A 85 2.36 16.00 -1.66
CA GLU A 85 3.21 16.72 -2.59
C GLU A 85 2.80 16.41 -4.03
N TRP A 86 2.09 17.37 -4.66
CA TRP A 86 1.45 17.13 -5.95
C TRP A 86 2.38 17.12 -7.18
N ARG A 87 3.46 16.36 -7.12
CA ARG A 87 4.42 16.28 -8.22
C ARG A 87 4.09 15.21 -9.29
N PRO A 88 4.54 15.42 -10.53
CA PRO A 88 4.63 14.31 -11.47
C PRO A 88 5.64 13.29 -10.96
N ILE A 89 5.40 12.01 -11.28
CA ILE A 89 6.21 10.91 -10.78
C ILE A 89 7.71 11.15 -11.00
N ASP A 90 8.05 11.74 -12.15
CA ASP A 90 9.46 11.74 -12.57
C ASP A 90 10.20 12.86 -11.87
N LYS A 91 9.45 13.73 -11.20
CA LYS A 91 10.03 14.79 -10.40
C LYS A 91 10.19 14.49 -8.90
N TYR A 92 9.83 13.28 -8.46
CA TYR A 92 10.17 12.82 -7.12
C TYR A 92 11.58 12.24 -7.08
N ALA A 93 12.20 12.24 -5.91
CA ALA A 93 13.27 11.31 -5.62
C ALA A 93 12.73 10.07 -4.88
N VAL A 94 13.40 8.94 -5.03
CA VAL A 94 12.99 7.71 -4.39
C VAL A 94 12.79 7.91 -2.87
N GLU A 95 13.72 8.66 -2.28
CA GLU A 95 13.65 9.10 -0.89
C GLU A 95 12.34 9.79 -0.48
N ASP A 96 11.71 10.50 -1.40
CA ASP A 96 10.44 11.17 -1.09
C ASP A 96 9.29 10.18 -0.78
N TYR A 97 9.28 9.06 -1.49
CA TYR A 97 8.29 8.03 -1.27
C TYR A 97 8.59 7.25 0.01
N ARG A 98 9.88 6.98 0.25
CA ARG A 98 10.30 6.33 1.49
C ARG A 98 9.90 7.15 2.70
N ASP A 99 10.06 8.47 2.61
CA ASP A 99 9.56 9.36 3.68
C ASP A 99 8.05 9.27 3.83
N MET A 100 7.33 9.21 2.71
CA MET A 100 5.88 9.21 2.76
C MET A 100 5.41 7.90 3.35
N VAL A 101 6.11 6.83 2.99
CA VAL A 101 5.78 5.50 3.45
C VAL A 101 6.14 5.32 4.91
N GLU A 102 7.19 6.00 5.33
CA GLU A 102 7.57 6.03 6.73
C GLU A 102 6.51 6.66 7.62
N ALA A 103 5.92 7.76 7.16
CA ALA A 103 4.98 8.52 7.98
C ALA A 103 3.59 7.90 7.98
N LEU A 104 3.24 7.18 6.91
CA LEU A 104 1.83 6.79 6.67
C LEU A 104 1.57 5.30 6.81
N GLN A 105 2.62 4.49 6.83
CA GLN A 105 2.49 3.04 6.67
C GLN A 105 3.35 2.31 7.68
N ILE A 106 4.61 2.73 7.80
CA ILE A 106 5.51 2.18 8.81
C ILE A 106 5.05 2.57 10.22
N LYS A 107 4.64 3.82 10.39
CA LYS A 107 4.19 4.33 11.68
C LYS A 107 3.05 3.50 12.29
N PRO A 108 1.93 3.35 11.56
CA PRO A 108 0.83 2.57 12.14
C PRO A 108 1.21 1.10 12.42
N PHE A 109 2.07 0.53 11.59
CA PHE A 109 2.59 -0.79 11.87
C PHE A 109 3.38 -0.81 13.19
N ALA A 110 4.21 0.23 13.40
CA ALA A 110 5.04 0.27 14.62
C ALA A 110 4.20 0.41 15.89
N LEU A 111 3.15 1.21 15.83
CA LEU A 111 2.26 1.36 16.97
C LEU A 111 1.47 0.05 17.20
N ALA A 112 1.03 -0.59 16.12
CA ALA A 112 0.33 -1.86 16.30
C ALA A 112 1.27 -2.98 16.82
N ASN A 113 2.52 -2.98 16.35
CA ASN A 113 3.57 -3.88 16.84
C ASN A 113 3.86 -3.68 18.34
N ALA A 114 3.87 -2.42 18.78
CA ALA A 114 4.20 -2.10 20.16
C ALA A 114 3.11 -2.51 21.17
N VAL A 115 1.88 -2.72 20.71
CA VAL A 115 0.76 -2.76 21.63
C VAL A 115 0.02 -4.09 21.58
N ALA A 116 0.36 -4.88 20.58
CA ALA A 116 -0.40 -6.09 20.28
C ALA A 116 -0.28 -7.13 21.40
N SER A 117 0.93 -7.37 21.88
CA SER A 117 1.16 -8.49 22.79
C SER A 117 0.36 -8.34 24.08
N GLN A 118 0.33 -7.13 24.63
CA GLN A 118 -0.54 -6.87 25.77
C GLN A 118 -2.04 -7.05 25.46
N MET A 119 -2.46 -6.67 24.26
CA MET A 119 -3.86 -6.85 23.85
C MET A 119 -4.19 -8.33 23.64
N LYS A 120 -3.30 -9.06 22.98
CA LYS A 120 -3.48 -10.50 22.83
C LYS A 120 -3.58 -11.21 24.19
N ARG A 121 -2.72 -10.83 25.13
CA ARG A 121 -2.64 -11.50 26.42
C ARG A 121 -3.97 -11.42 27.18
N ARG A 122 -4.64 -10.27 27.15
CA ARG A 122 -5.95 -10.18 27.83
C ARG A 122 -7.16 -10.44 26.91
N LYS A 123 -6.88 -10.81 25.66
CA LYS A 123 -7.95 -11.15 24.73
C LYS A 123 -8.95 -9.99 24.63
N SER A 124 -8.43 -8.78 24.51
CA SER A 124 -9.27 -7.62 24.23
C SER A 124 -8.46 -6.40 23.83
N GLY A 125 -9.09 -5.53 23.03
CA GLY A 125 -8.44 -4.37 22.41
C GLY A 125 -9.17 -3.97 21.14
N HIS A 126 -9.01 -2.71 20.71
CA HIS A 126 -9.41 -2.30 19.36
C HIS A 126 -8.33 -1.45 18.69
N ILE A 127 -8.17 -1.62 17.38
CA ILE A 127 -7.14 -0.89 16.64
C ILE A 127 -7.75 -0.21 15.42
N ILE A 128 -7.54 1.12 15.33
CA ILE A 128 -8.10 1.96 14.28
C ILE A 128 -7.01 2.82 13.59
N PHE A 129 -6.80 2.56 12.29
CA PHE A 129 -5.96 3.41 11.43
C PHE A 129 -6.83 4.44 10.69
N ILE A 130 -6.40 5.70 10.76
CA ILE A 130 -6.99 6.73 9.93
C ILE A 130 -6.13 7.00 8.70
N THR A 131 -6.66 6.57 7.54
CA THR A 131 -5.93 6.59 6.28
C THR A 131 -6.52 7.68 5.37
N SER A 132 -7.03 7.33 4.18
CA SER A 132 -7.55 8.36 3.24
C SER A 132 -8.34 7.74 2.07
N ALA A 133 -9.43 8.40 1.67
CA ALA A 133 -10.16 7.97 0.47
C ALA A 133 -9.32 8.05 -0.82
N ALA A 134 -8.12 8.62 -0.72
CA ALA A 134 -7.21 8.67 -1.85
C ALA A 134 -6.72 7.27 -2.28
N SER A 135 -6.85 6.30 -1.38
CA SER A 135 -6.36 4.93 -1.61
C SER A 135 -6.55 4.33 -3.00
N PHE A 136 -7.74 4.37 -3.57
CA PHE A 136 -7.85 3.95 -4.98
C PHE A 136 -8.61 4.94 -5.85
N GLY A 137 -8.30 6.22 -5.64
CA GLY A 137 -9.22 7.30 -5.96
C GLY A 137 -8.99 7.93 -7.32
N PRO A 138 -9.66 9.06 -7.57
CA PRO A 138 -9.75 9.76 -8.85
C PRO A 138 -8.61 10.74 -9.15
N TRP A 139 -7.77 11.03 -8.17
CA TRP A 139 -6.80 12.11 -8.34
C TRP A 139 -5.64 11.78 -9.27
N LYS A 140 -4.98 12.82 -9.79
CA LYS A 140 -3.68 12.61 -10.42
C LYS A 140 -2.52 13.39 -9.82
N GLU A 141 -1.32 12.79 -9.92
CA GLU A 141 -0.08 13.40 -9.38
C GLU A 141 -0.03 13.40 -7.84
N LEU A 142 -0.70 12.42 -7.25
CA LEU A 142 -0.72 12.15 -5.81
C LEU A 142 -0.17 10.72 -5.54
N SER A 143 0.70 10.24 -6.43
CA SER A 143 0.97 8.81 -6.51
C SER A 143 1.65 8.22 -5.25
N THR A 144 2.63 8.94 -4.71
CA THR A 144 3.23 8.55 -3.42
C THR A 144 2.23 8.55 -2.27
N TYR A 145 1.25 9.44 -2.32
CA TYR A 145 0.30 9.59 -1.22
C TYR A 145 -0.84 8.56 -1.28
N ALA A 146 -1.47 8.42 -2.44
CA ALA A 146 -2.49 7.40 -2.65
C ALA A 146 -2.01 5.98 -2.36
N SER A 147 -0.77 5.66 -2.73
CA SER A 147 -0.31 4.28 -2.55
C SER A 147 0.02 3.95 -1.09
N ALA A 148 0.71 4.87 -0.39
CA ALA A 148 1.07 4.65 1.02
C ALA A 148 -0.22 4.49 1.85
N ARG A 149 -1.21 5.31 1.55
CA ARG A 149 -2.48 5.17 2.23
C ARG A 149 -3.13 3.81 1.97
N ALA A 150 -2.97 3.27 0.75
CA ALA A 150 -3.46 1.93 0.43
C ALA A 150 -2.75 0.85 1.25
N GLY A 151 -1.43 0.93 1.33
CA GLY A 151 -0.66 0.04 2.17
C GLY A 151 -1.17 0.00 3.59
N ALA A 152 -1.51 1.18 4.13
CA ALA A 152 -2.04 1.26 5.47
C ALA A 152 -3.43 0.60 5.61
N SER A 153 -4.35 0.91 4.70
CA SER A 153 -5.70 0.28 4.71
C SER A 153 -5.65 -1.25 4.56
N ALA A 154 -4.79 -1.73 3.67
CA ALA A 154 -4.58 -3.19 3.50
C ALA A 154 -3.95 -3.85 4.74
N LEU A 155 -3.08 -3.11 5.43
CA LEU A 155 -2.50 -3.54 6.71
C LEU A 155 -3.59 -3.80 7.74
N ALA A 156 -4.45 -2.82 7.95
CA ALA A 156 -5.58 -2.99 8.89
C ALA A 156 -6.39 -4.25 8.56
N ASN A 157 -6.70 -4.44 7.28
CA ASN A 157 -7.52 -5.57 6.90
C ASN A 157 -6.78 -6.86 7.20
N ALA A 158 -5.51 -6.91 6.81
CA ALA A 158 -4.72 -8.09 7.06
C ALA A 158 -4.58 -8.39 8.54
N LEU A 159 -4.33 -7.37 9.36
CA LEU A 159 -4.21 -7.57 10.81
C LEU A 159 -5.54 -8.07 11.40
N SER A 160 -6.66 -7.53 10.94
CA SER A 160 -7.96 -8.03 11.39
C SER A 160 -8.05 -9.57 11.33
N LYS A 161 -7.45 -10.19 10.31
CA LYS A 161 -7.64 -11.64 10.11
C LYS A 161 -6.82 -12.49 11.09
N GLU A 162 -5.66 -12.01 11.51
CA GLU A 162 -4.89 -12.74 12.49
C GLU A 162 -5.31 -12.40 13.92
N LEU A 163 -5.89 -11.23 14.12
CA LEU A 163 -6.20 -10.79 15.47
C LEU A 163 -7.60 -11.16 15.94
N GLY A 164 -8.39 -11.73 15.05
CA GLY A 164 -9.71 -12.25 15.41
C GLY A 164 -9.68 -13.33 16.51
N GLU A 165 -8.82 -14.34 16.35
CA GLU A 165 -8.64 -15.34 17.41
C GLU A 165 -8.40 -14.72 18.78
N HIS A 166 -7.88 -13.49 18.83
CA HIS A 166 -7.62 -12.89 20.12
C HIS A 166 -8.66 -11.84 20.48
N ASN A 167 -9.78 -11.85 19.75
CA ASN A 167 -10.88 -10.93 20.07
C ASN A 167 -10.49 -9.45 19.93
N ILE A 168 -9.64 -9.14 18.97
CA ILE A 168 -9.20 -7.76 18.70
C ILE A 168 -9.62 -7.28 17.30
N PRO A 169 -10.68 -6.45 17.23
CA PRO A 169 -11.11 -5.91 15.93
C PRO A 169 -10.11 -4.89 15.41
N VAL A 170 -9.92 -4.85 14.10
CA VAL A 170 -9.04 -3.88 13.47
C VAL A 170 -9.78 -3.20 12.29
N PHE A 171 -9.70 -1.87 12.22
CA PHE A 171 -10.40 -1.09 11.19
C PHE A 171 -9.53 -0.01 10.53
N ALA A 172 -9.97 0.43 9.36
CA ALA A 172 -9.33 1.54 8.65
C ALA A 172 -10.40 2.57 8.26
N ILE A 173 -10.13 3.83 8.53
CA ILE A 173 -11.09 4.87 8.18
C ILE A 173 -10.48 5.77 7.12
N ALA A 174 -11.08 5.74 5.93
CA ALA A 174 -10.54 6.44 4.75
C ALA A 174 -11.39 7.70 4.41
N PRO A 175 -10.95 8.88 4.89
CA PRO A 175 -11.74 10.10 4.74
C PRO A 175 -11.46 10.88 3.43
N ASN A 176 -12.44 11.67 3.02
CA ASN A 176 -12.19 12.83 2.18
C ASN A 176 -13.05 13.99 2.62
N GLY A 177 -12.49 15.20 2.56
CA GLY A 177 -13.26 16.44 2.73
C GLY A 177 -13.78 16.64 4.14
N VAL A 178 -13.07 16.10 5.12
CA VAL A 178 -13.41 16.34 6.51
C VAL A 178 -12.78 17.65 7.02
N ASP A 179 -13.63 18.59 7.40
CA ASP A 179 -13.23 19.88 7.94
C ASP A 179 -12.21 19.70 9.05
N SER A 180 -11.06 20.35 8.92
CA SER A 180 -10.00 20.23 9.91
C SER A 180 -9.68 21.50 10.72
N GLY A 181 -10.57 22.50 10.69
CA GLY A 181 -10.37 23.77 11.42
C GLY A 181 -9.06 24.48 11.08
N ASP A 182 -8.22 24.70 12.10
CA ASP A 182 -6.97 25.44 11.92
C ASP A 182 -5.84 24.57 11.35
N SER A 183 -6.10 23.25 11.26
CA SER A 183 -5.08 22.32 10.78
C SER A 183 -5.07 22.26 9.26
N PRO A 184 -3.87 22.27 8.65
CA PRO A 184 -3.73 22.11 7.19
C PRO A 184 -3.95 20.67 6.67
N TYR A 185 -4.09 19.69 7.57
CA TYR A 185 -4.39 18.30 7.15
C TYR A 185 -5.84 17.96 7.47
N TYR A 186 -6.72 17.88 6.45
CA TYR A 186 -6.37 18.22 5.05
C TYR A 186 -7.36 19.23 4.45
N TYR A 187 -8.39 19.57 5.22
CA TYR A 187 -9.37 20.57 4.79
C TYR A 187 -9.62 21.71 5.79
N PRO A 188 -8.65 22.63 5.92
CA PRO A 188 -8.82 23.76 6.85
C PRO A 188 -10.00 24.68 6.47
N SER A 189 -10.64 25.28 7.47
CA SER A 189 -11.85 26.08 7.25
C SER A 189 -11.60 27.30 6.36
N GLU A 190 -10.37 27.81 6.41
CA GLU A 190 -9.86 28.67 5.35
C GLU A 190 -8.86 27.86 4.56
N PRO A 191 -9.14 27.64 3.26
CA PRO A 191 -10.14 28.38 2.48
C PRO A 191 -11.46 27.66 2.29
N TRP A 192 -11.58 26.43 2.79
CA TRP A 192 -12.58 25.48 2.30
C TRP A 192 -14.00 25.89 2.67
N LYS A 193 -14.10 26.72 3.70
CA LYS A 193 -15.40 27.11 4.22
C LYS A 193 -15.78 28.56 3.80
N THR A 194 -14.81 29.31 3.30
CA THR A 194 -14.99 30.74 3.02
C THR A 194 -14.73 31.17 1.55
N SER A 195 -13.80 30.51 0.86
CA SER A 195 -13.49 30.86 -0.52
C SER A 195 -14.49 30.27 -1.51
N PRO A 196 -15.14 31.14 -2.29
CA PRO A 196 -16.35 30.81 -3.04
C PRO A 196 -16.13 29.70 -4.08
N GLU A 197 -14.90 29.61 -4.59
CA GLU A 197 -14.52 28.53 -5.50
C GLU A 197 -14.38 27.19 -4.81
N HIS A 198 -13.66 27.17 -3.68
CA HIS A 198 -13.53 25.99 -2.84
C HIS A 198 -14.90 25.49 -2.41
N VAL A 199 -15.76 26.40 -1.98
CA VAL A 199 -17.12 26.04 -1.61
C VAL A 199 -17.86 25.42 -2.79
N ALA A 200 -17.59 25.91 -3.99
CA ALA A 200 -18.28 25.44 -5.20
C ALA A 200 -17.76 24.08 -5.65
N TRP A 201 -16.46 23.87 -5.54
CA TRP A 201 -15.85 22.61 -5.95
C TRP A 201 -16.46 21.50 -5.08
N VAL A 202 -16.58 21.79 -3.78
CA VAL A 202 -17.20 20.85 -2.86
C VAL A 202 -18.65 20.52 -3.25
N ARG A 203 -19.42 21.54 -3.61
CA ARG A 203 -20.80 21.31 -3.99
C ARG A 203 -20.90 20.52 -5.28
N LYS A 204 -19.97 20.76 -6.20
CA LYS A 204 -19.92 20.01 -7.45
C LYS A 204 -19.74 18.51 -7.25
N TYR A 205 -18.80 18.13 -6.39
CA TYR A 205 -18.15 16.83 -6.51
C TYR A 205 -18.44 15.84 -5.35
N THR A 206 -19.14 16.30 -4.31
CA THR A 206 -19.54 15.38 -3.24
C THR A 206 -21.04 15.19 -3.25
N ALA A 207 -21.52 14.01 -2.88
CA ALA A 207 -22.95 13.74 -3.02
C ALA A 207 -23.75 14.58 -2.02
N LEU A 208 -23.25 14.69 -0.77
CA LEU A 208 -23.93 15.49 0.26
C LEU A 208 -23.76 17.02 0.11
N GLN A 209 -22.84 17.42 -0.76
CA GLN A 209 -22.67 18.83 -1.13
C GLN A 209 -22.15 19.69 0.03
N ARG A 210 -21.29 19.12 0.87
CA ARG A 210 -20.75 19.83 2.04
C ARG A 210 -19.51 19.12 2.49
N LEU A 211 -18.73 19.78 3.33
CA LEU A 211 -17.65 19.14 4.05
C LEU A 211 -18.24 18.19 5.10
N GLY A 212 -17.51 17.12 5.44
CA GLY A 212 -17.82 16.35 6.63
C GLY A 212 -17.26 17.01 7.86
N THR A 213 -17.82 16.71 9.03
CA THR A 213 -17.43 17.36 10.26
C THR A 213 -16.47 16.51 11.07
N GLN A 214 -15.75 17.13 12.00
CA GLN A 214 -14.94 16.42 12.96
C GLN A 214 -15.81 15.52 13.82
N LYS A 215 -17.00 16.00 14.15
CA LYS A 215 -17.93 15.24 14.97
C LYS A 215 -18.30 13.92 14.30
N GLU A 216 -18.58 13.95 13.00
CA GLU A 216 -18.93 12.72 12.29
C GLU A 216 -17.82 11.67 12.31
N LEU A 217 -16.59 12.12 12.16
CA LEU A 217 -15.44 11.25 12.25
C LEU A 217 -15.20 10.71 13.69
N GLY A 218 -15.20 11.62 14.67
CA GLY A 218 -15.16 11.23 16.07
C GLY A 218 -16.26 10.23 16.47
N GLU A 219 -17.48 10.46 15.98
CA GLU A 219 -18.61 9.55 16.28
C GLU A 219 -18.35 8.16 15.74
N LEU A 220 -17.63 8.09 14.62
CA LEU A 220 -17.31 6.80 14.02
C LEU A 220 -16.23 6.06 14.81
N VAL A 221 -15.14 6.75 15.13
CA VAL A 221 -14.05 6.13 15.87
C VAL A 221 -14.63 5.56 17.17
N THR A 222 -15.51 6.33 17.80
CA THR A 222 -16.10 5.98 19.08
C THR A 222 -17.10 4.84 18.94
N PHE A 223 -17.83 4.79 17.83
CA PHE A 223 -18.74 3.66 17.61
C PHE A 223 -17.93 2.37 17.49
N LEU A 224 -16.84 2.42 16.75
CA LEU A 224 -16.01 1.23 16.52
C LEU A 224 -15.32 0.76 17.78
N ALA A 225 -14.95 1.71 18.64
CA ALA A 225 -14.24 1.40 19.89
C ALA A 225 -15.16 0.90 21.01
N SER A 226 -16.46 1.18 20.89
CA SER A 226 -17.44 0.85 21.92
C SER A 226 -17.60 -0.68 22.13
N GLY A 227 -17.32 -1.47 21.10
CA GLY A 227 -17.61 -2.92 21.15
C GLY A 227 -19.04 -3.29 20.81
N SER A 228 -19.86 -2.30 20.41
CA SER A 228 -21.23 -2.57 19.91
C SER A 228 -21.28 -3.39 18.62
N CYS A 229 -20.18 -3.43 17.86
CA CYS A 229 -20.22 -4.04 16.53
C CYS A 229 -18.84 -4.53 16.10
N ASP A 230 -18.23 -5.34 16.96
CA ASP A 230 -16.97 -5.99 16.70
C ASP A 230 -16.98 -6.81 15.40
N TYR A 231 -18.14 -7.32 15.01
CA TYR A 231 -18.26 -8.15 13.80
C TYR A 231 -17.88 -7.48 12.47
N LEU A 232 -17.81 -6.14 12.43
CA LEU A 232 -17.33 -5.41 11.21
C LEU A 232 -15.81 -5.46 10.97
N THR A 233 -15.09 -6.13 11.86
CA THR A 233 -13.63 -6.15 11.83
C THR A 233 -13.10 -6.31 10.40
N GLY A 234 -12.02 -5.59 10.09
CA GLY A 234 -11.48 -5.56 8.74
C GLY A 234 -12.02 -4.46 7.81
N GLN A 235 -13.13 -3.82 8.21
CA GLN A 235 -13.78 -2.83 7.33
C GLN A 235 -12.85 -1.65 7.05
N VAL A 236 -12.70 -1.31 5.77
CA VAL A 236 -12.29 0.02 5.37
C VAL A 236 -13.53 0.89 5.19
N PHE A 237 -13.63 1.97 5.97
CA PHE A 237 -14.78 2.86 5.88
C PHE A 237 -14.49 4.04 4.94
N TRP A 238 -15.33 4.23 3.92
CA TRP A 238 -15.17 5.35 2.99
C TRP A 238 -15.99 6.55 3.41
N LEU A 239 -15.29 7.47 4.07
CA LEU A 239 -15.89 8.52 4.86
C LEU A 239 -15.77 9.77 4.01
N ALA A 240 -16.44 9.77 2.86
CA ALA A 240 -16.14 10.74 1.80
C ALA A 240 -17.39 11.47 1.25
N GLY A 241 -18.52 11.34 1.93
CA GLY A 241 -19.74 12.06 1.53
C GLY A 241 -20.17 11.84 0.08
N GLY A 242 -19.77 10.71 -0.50
CA GLY A 242 -20.22 10.31 -1.84
C GLY A 242 -19.23 10.73 -2.93
N PHE A 243 -18.17 11.41 -2.54
CA PHE A 243 -17.12 11.81 -3.48
C PHE A 243 -16.51 10.59 -4.18
N PRO A 244 -16.27 10.69 -5.50
CA PRO A 244 -16.69 11.77 -6.41
C PRO A 244 -18.02 11.49 -7.09
N VAL A 245 -18.76 12.54 -7.42
CA VAL A 245 -19.84 12.46 -8.40
C VAL A 245 -19.51 13.27 -9.65
N VAL A 246 -19.96 12.77 -10.81
CA VAL A 246 -19.86 13.52 -12.04
C VAL A 246 -21.19 13.69 -12.76
N GLU A 247 -21.46 14.91 -13.20
CA GLU A 247 -22.75 15.30 -13.79
C GLU A 247 -23.02 14.59 -15.12
N ARG A 248 -24.30 14.41 -15.42
CA ARG A 248 -24.73 13.91 -16.73
C ARG A 248 -23.96 14.58 -17.90
N TRP A 249 -23.56 13.76 -18.88
CA TRP A 249 -23.23 14.18 -20.28
C TRP A 249 -23.70 15.59 -20.66
N PRO A 250 -22.81 16.38 -21.31
CA PRO A 250 -23.11 17.75 -21.75
C PRO A 250 -24.44 17.89 -22.48
N SER B 2 11.28 -2.31 -30.51
CA SER B 2 10.63 -2.25 -29.17
C SER B 2 11.52 -2.91 -28.12
N THR B 3 11.87 -2.19 -27.07
CA THR B 3 12.79 -2.69 -26.07
C THR B 3 12.08 -2.87 -24.72
N ALA B 4 12.32 -4.01 -24.08
CA ALA B 4 11.73 -4.31 -22.78
C ALA B 4 12.77 -4.59 -21.72
N ILE B 5 12.39 -4.36 -20.45
CA ILE B 5 13.14 -4.82 -19.28
C ILE B 5 12.27 -5.65 -18.36
N VAL B 6 12.75 -6.85 -18.03
CA VAL B 6 12.10 -7.71 -17.04
C VAL B 6 13.10 -7.94 -15.92
N THR B 7 12.66 -7.69 -14.68
CA THR B 7 13.57 -7.81 -13.51
C THR B 7 13.42 -9.17 -12.83
N ASN B 8 14.38 -9.53 -11.98
CA ASN B 8 14.36 -10.83 -11.28
C ASN B 8 13.94 -12.01 -12.16
N VAL B 9 14.53 -12.12 -13.35
CA VAL B 9 13.94 -12.89 -14.44
C VAL B 9 13.80 -14.39 -14.18
N LYS B 10 14.52 -14.89 -13.17
CA LYS B 10 14.56 -16.33 -12.90
C LYS B 10 13.46 -16.75 -11.93
N HIS B 11 12.73 -15.77 -11.39
CA HIS B 11 11.70 -16.03 -10.36
C HIS B 11 10.30 -15.55 -10.73
N PHE B 12 9.30 -15.98 -9.94
CA PHE B 12 7.92 -15.45 -10.02
C PHE B 12 7.43 -15.44 -11.47
N GLY B 13 7.16 -14.25 -12.01
CA GLY B 13 6.70 -14.16 -13.41
C GLY B 13 7.79 -13.77 -14.40
N GLY B 14 9.06 -14.01 -14.04
CA GLY B 14 10.16 -13.56 -14.87
C GLY B 14 10.26 -14.23 -16.24
N MET B 15 10.34 -15.56 -16.26
CA MET B 15 10.59 -16.31 -17.49
C MET B 15 9.37 -16.25 -18.40
N GLY B 16 8.19 -16.53 -17.84
CA GLY B 16 6.94 -16.26 -18.51
C GLY B 16 6.99 -14.97 -19.28
N SER B 17 7.37 -13.88 -18.59
CA SER B 17 7.27 -12.54 -19.16
C SER B 17 8.33 -12.32 -20.21
N ALA B 18 9.55 -12.77 -19.92
CA ALA B 18 10.70 -12.46 -20.79
C ALA B 18 10.60 -13.22 -22.10
N LEU B 19 10.28 -14.51 -21.98
CA LEU B 19 10.21 -15.39 -23.12
C LEU B 19 9.07 -15.03 -24.07
N ARG B 20 7.88 -14.75 -23.53
CA ARG B 20 6.75 -14.33 -24.38
C ARG B 20 6.98 -12.99 -25.06
N LEU B 21 7.56 -12.03 -24.34
CA LEU B 21 7.83 -10.75 -24.95
C LEU B 21 8.75 -11.00 -26.14
N SER B 22 9.72 -11.88 -25.95
CA SER B 22 10.71 -12.11 -26.99
C SER B 22 10.08 -12.74 -28.25
N GLU B 23 9.28 -13.76 -28.05
CA GLU B 23 8.56 -14.39 -29.15
C GLU B 23 7.78 -13.34 -29.94
N ALA B 24 7.36 -12.27 -29.27
CA ALA B 24 6.56 -11.24 -29.90
C ALA B 24 7.39 -10.17 -30.63
N GLY B 25 8.72 -10.30 -30.60
CA GLY B 25 9.57 -9.39 -31.36
C GLY B 25 10.18 -8.22 -30.59
N HIS B 26 9.85 -8.08 -29.30
CA HIS B 26 10.56 -7.16 -28.43
C HIS B 26 12.02 -7.61 -28.23
N THR B 27 12.92 -6.64 -28.09
CA THR B 27 14.27 -6.93 -27.60
C THR B 27 14.24 -6.85 -26.08
N VAL B 28 14.40 -7.99 -25.42
CA VAL B 28 14.18 -8.09 -23.99
C VAL B 28 15.47 -8.17 -23.20
N ALA B 29 15.77 -7.09 -22.47
CA ALA B 29 16.85 -7.08 -21.48
C ALA B 29 16.36 -7.69 -20.19
N CYS B 30 17.23 -8.39 -19.49
CA CYS B 30 16.83 -9.09 -18.27
C CYS B 30 17.75 -8.72 -17.12
N HIS B 31 17.17 -8.61 -15.93
CA HIS B 31 17.91 -8.37 -14.69
C HIS B 31 17.65 -9.52 -13.72
N ASP B 32 18.60 -9.77 -12.82
CA ASP B 32 18.47 -10.82 -11.80
C ASP B 32 19.65 -10.69 -10.86
N GLU B 33 19.47 -11.03 -9.60
CA GLU B 33 20.54 -10.88 -8.63
C GLU B 33 21.77 -11.71 -9.05
N SER B 34 21.53 -12.85 -9.67
CA SER B 34 22.62 -13.77 -9.96
C SER B 34 23.55 -13.22 -11.03
N PHE B 35 23.10 -12.19 -11.76
CA PHE B 35 23.91 -11.61 -12.84
C PHE B 35 24.99 -10.66 -12.31
N LYS B 36 25.11 -10.54 -10.98
CA LYS B 36 26.32 -10.00 -10.35
C LYS B 36 27.55 -10.74 -10.88
N HIS B 37 27.39 -12.04 -11.11
CA HIS B 37 28.53 -12.94 -11.30
C HIS B 37 28.64 -13.31 -12.77
N GLN B 38 29.67 -12.80 -13.46
CA GLN B 38 29.81 -13.03 -14.91
C GLN B 38 29.58 -14.50 -15.25
N ASP B 39 30.06 -15.36 -14.36
CA ASP B 39 29.80 -16.78 -14.43
C ASP B 39 28.34 -17.09 -14.82
N GLU B 40 27.40 -16.63 -13.99
CA GLU B 40 25.99 -16.96 -14.11
C GLU B 40 25.35 -16.25 -15.30
N LEU B 41 25.82 -15.03 -15.55
CA LEU B 41 25.28 -14.21 -16.61
C LEU B 41 25.53 -14.90 -17.95
N GLU B 42 26.75 -15.41 -18.12
CA GLU B 42 27.15 -16.06 -19.37
C GLU B 42 26.39 -17.35 -19.58
N ALA B 43 26.15 -18.09 -18.50
CA ALA B 43 25.41 -19.34 -18.59
C ALA B 43 23.98 -19.07 -19.07
N PHE B 44 23.41 -17.97 -18.60
CA PHE B 44 22.06 -17.56 -18.98
C PHE B 44 22.00 -17.14 -20.45
N ALA B 45 23.02 -16.42 -20.91
CA ALA B 45 23.02 -15.87 -22.27
C ALA B 45 23.19 -16.97 -23.32
N GLU B 46 23.99 -17.98 -23.00
CA GLU B 46 24.14 -19.15 -23.84
C GLU B 46 22.83 -19.92 -23.97
N THR B 47 22.20 -20.21 -22.83
CA THR B 47 20.93 -20.92 -22.86
C THR B 47 19.80 -20.13 -23.55
N TYR B 48 19.86 -18.81 -23.43
CA TYR B 48 18.79 -17.94 -23.91
C TYR B 48 19.27 -16.86 -24.88
N PRO B 49 19.73 -17.27 -26.09
CA PRO B 49 20.37 -16.38 -27.07
C PRO B 49 19.48 -15.23 -27.53
N GLN B 50 18.17 -15.40 -27.38
CA GLN B 50 17.22 -14.36 -27.74
C GLN B 50 16.99 -13.33 -26.59
N LEU B 51 17.47 -13.64 -25.39
CA LEU B 51 17.37 -12.71 -24.25
C LEU B 51 18.73 -12.07 -24.02
N ILE B 52 18.73 -10.84 -23.51
CA ILE B 52 19.98 -10.17 -23.21
C ILE B 52 20.15 -9.75 -21.74
N PRO B 53 20.79 -10.63 -20.93
CA PRO B 53 20.93 -10.41 -19.50
C PRO B 53 21.95 -9.31 -19.22
N MET B 54 21.60 -8.42 -18.30
CA MET B 54 22.48 -7.35 -17.87
C MET B 54 23.08 -7.67 -16.52
N SER B 55 24.17 -6.99 -16.19
CA SER B 55 24.83 -7.19 -14.90
C SER B 55 24.32 -6.16 -13.91
N GLU B 56 23.88 -5.02 -14.41
CA GLU B 56 23.45 -3.91 -13.58
C GLU B 56 22.32 -4.32 -12.63
N GLN B 57 22.34 -3.75 -11.42
CA GLN B 57 21.56 -4.27 -10.29
C GLN B 57 20.52 -3.27 -9.76
N GLU B 58 20.87 -1.98 -9.71
CA GLU B 58 19.99 -0.97 -9.14
C GLU B 58 19.15 -0.32 -10.24
N PRO B 59 18.04 0.32 -9.89
CA PRO B 59 17.15 0.78 -10.97
C PRO B 59 17.78 1.76 -11.99
N VAL B 60 18.47 2.79 -11.54
CA VAL B 60 18.89 3.82 -12.49
C VAL B 60 20.01 3.37 -13.43
N GLU B 61 20.99 2.62 -12.89
CA GLU B 61 22.05 2.05 -13.72
C GLU B 61 21.52 1.00 -14.71
N LEU B 62 20.52 0.24 -14.28
CA LEU B 62 19.90 -0.76 -15.15
C LEU B 62 19.19 -0.09 -16.32
N ILE B 63 18.46 0.98 -16.04
CA ILE B 63 17.74 1.73 -17.07
C ILE B 63 18.70 2.43 -18.01
N GLU B 64 19.68 3.15 -17.45
CA GLU B 64 20.70 3.84 -18.26
C GLU B 64 21.46 2.87 -19.17
N ALA B 65 21.77 1.69 -18.65
CA ALA B 65 22.57 0.72 -19.37
C ALA B 65 21.78 0.09 -20.51
N VAL B 66 20.49 -0.17 -20.27
CA VAL B 66 19.64 -0.66 -21.32
C VAL B 66 19.43 0.43 -22.36
N THR B 67 19.20 1.66 -21.90
CA THR B 67 18.96 2.75 -22.81
C THR B 67 20.15 2.95 -23.74
N SER B 68 21.34 2.79 -23.20
CA SER B 68 22.56 3.08 -23.93
C SER B 68 22.95 1.95 -24.90
N ALA B 69 22.59 0.71 -24.56
CA ALA B 69 22.91 -0.43 -25.42
C ALA B 69 21.79 -0.83 -26.38
N LEU B 70 20.56 -0.36 -26.13
CA LEU B 70 19.44 -0.74 -27.00
C LEU B 70 18.50 0.40 -27.34
N GLY B 71 18.67 1.55 -26.71
CA GLY B 71 18.16 2.81 -27.24
C GLY B 71 16.73 3.24 -26.91
N HIS B 72 16.25 2.92 -25.71
CA HIS B 72 15.00 3.49 -25.16
C HIS B 72 14.08 2.37 -24.72
N VAL B 73 13.63 2.44 -23.47
CA VAL B 73 12.76 1.42 -22.92
C VAL B 73 11.30 1.68 -23.28
N ASP B 74 10.70 0.80 -24.07
CA ASP B 74 9.27 0.88 -24.37
C ASP B 74 8.43 0.19 -23.32
N ILE B 75 9.01 -0.81 -22.64
CA ILE B 75 8.26 -1.69 -21.76
C ILE B 75 9.05 -2.00 -20.50
N LEU B 76 8.46 -1.68 -19.35
CA LEU B 76 8.98 -2.07 -18.04
C LEU B 76 8.11 -3.15 -17.39
N VAL B 77 8.71 -4.27 -17.03
CA VAL B 77 7.99 -5.27 -16.23
C VAL B 77 8.70 -5.45 -14.91
N SER B 78 8.13 -4.86 -13.86
CA SER B 78 8.80 -4.88 -12.57
C SER B 78 8.27 -6.07 -11.82
N ASN B 79 9.05 -7.15 -11.85
CA ASN B 79 8.69 -8.47 -11.35
C ASN B 79 9.26 -8.65 -9.95
N ASP B 80 8.46 -8.31 -8.94
CA ASP B 80 9.02 -8.06 -7.61
C ASP B 80 8.85 -9.26 -6.69
N ILE B 81 9.85 -9.50 -5.84
CA ILE B 81 9.92 -10.68 -4.96
C ILE B 81 10.55 -10.33 -3.61
N ALA B 82 10.18 -11.07 -2.58
CA ALA B 82 10.84 -11.00 -1.26
C ALA B 82 10.43 -12.25 -0.48
N PRO B 83 11.33 -12.75 0.37
CA PRO B 83 10.98 -13.90 1.20
C PRO B 83 9.84 -13.56 2.14
N VAL B 84 8.73 -14.28 2.00
CA VAL B 84 7.64 -14.23 2.96
C VAL B 84 7.94 -15.06 4.21
N GLU B 85 7.90 -14.42 5.37
CA GLU B 85 8.03 -15.11 6.65
C GLU B 85 6.74 -15.02 7.46
N TRP B 86 6.03 -16.13 7.63
CA TRP B 86 4.79 -16.12 8.39
C TRP B 86 5.02 -15.89 9.90
N ARG B 87 4.70 -14.70 10.39
CA ARG B 87 4.84 -14.34 11.81
C ARG B 87 3.64 -13.52 12.28
N PRO B 88 3.34 -13.59 13.59
CA PRO B 88 2.32 -12.74 14.18
C PRO B 88 2.88 -11.36 14.42
N ILE B 89 2.01 -10.35 14.46
CA ILE B 89 2.43 -8.95 14.35
C ILE B 89 3.46 -8.56 15.40
N ASP B 90 3.30 -9.09 16.60
CA ASP B 90 4.14 -8.69 17.71
C ASP B 90 5.53 -9.36 17.71
N LYS B 91 5.74 -10.28 16.79
CA LYS B 91 7.00 -11.00 16.71
C LYS B 91 7.95 -10.43 15.66
N TYR B 92 7.43 -9.54 14.81
CA TYR B 92 8.26 -8.90 13.78
C TYR B 92 9.07 -7.77 14.39
N ALA B 93 10.25 -7.53 13.85
CA ALA B 93 10.89 -6.23 14.06
C ALA B 93 10.29 -5.23 13.07
N VAL B 94 10.06 -3.99 13.52
CA VAL B 94 9.71 -2.89 12.64
C VAL B 94 10.59 -2.85 11.39
N GLU B 95 11.88 -3.06 11.60
CA GLU B 95 12.83 -3.09 10.51
C GLU B 95 12.56 -4.18 9.48
N ASP B 96 11.84 -5.23 9.88
CA ASP B 96 11.45 -6.28 8.94
C ASP B 96 10.35 -5.83 7.95
N TYR B 97 9.37 -5.07 8.44
CA TYR B 97 8.41 -4.42 7.57
C TYR B 97 9.11 -3.47 6.58
N ARG B 98 10.04 -2.65 7.08
CA ARG B 98 10.79 -1.72 6.19
C ARG B 98 11.48 -2.46 5.06
N ASP B 99 12.09 -3.60 5.37
CA ASP B 99 12.83 -4.36 4.35
C ASP B 99 11.86 -4.92 3.32
N MET B 100 10.67 -5.31 3.79
CA MET B 100 9.67 -5.96 2.97
C MET B 100 9.02 -4.92 2.02
N VAL B 101 8.76 -3.73 2.57
CA VAL B 101 8.29 -2.59 1.81
C VAL B 101 9.30 -2.11 0.77
N GLU B 102 10.57 -2.05 1.15
CA GLU B 102 11.65 -1.74 0.20
C GLU B 102 11.68 -2.67 -1.02
N ALA B 103 11.53 -3.96 -0.80
CA ALA B 103 11.69 -4.91 -1.93
C ALA B 103 10.42 -4.99 -2.80
N LEU B 104 9.26 -4.78 -2.19
CA LEU B 104 7.99 -5.01 -2.90
C LEU B 104 7.31 -3.73 -3.33
N GLN B 105 7.74 -2.59 -2.78
CA GLN B 105 6.99 -1.36 -2.92
C GLN B 105 7.85 -0.16 -3.36
N ILE B 106 8.95 0.10 -2.65
CA ILE B 106 9.89 1.15 -3.07
C ILE B 106 10.54 0.81 -4.41
N LYS B 107 10.75 -0.47 -4.67
CA LYS B 107 11.45 -0.90 -5.87
C LYS B 107 10.67 -0.68 -7.18
N PRO B 108 9.38 -1.02 -7.21
CA PRO B 108 8.67 -0.65 -8.44
C PRO B 108 8.55 0.87 -8.63
N PHE B 109 8.51 1.61 -7.53
CA PHE B 109 8.45 3.07 -7.62
C PHE B 109 9.72 3.56 -8.28
N ALA B 110 10.86 3.05 -7.80
CA ALA B 110 12.17 3.52 -8.26
C ALA B 110 12.34 3.22 -9.74
N LEU B 111 11.95 2.03 -10.16
CA LEU B 111 12.03 1.67 -11.57
C LEU B 111 11.13 2.55 -12.43
N ALA B 112 9.90 2.78 -11.98
CA ALA B 112 9.00 3.72 -12.68
C ALA B 112 9.57 5.14 -12.70
N ASN B 113 9.94 5.64 -11.52
CA ASN B 113 10.64 6.92 -11.38
C ASN B 113 11.84 7.05 -12.34
N ALA B 114 12.55 5.97 -12.58
CA ALA B 114 13.78 6.02 -13.40
C ALA B 114 13.48 6.06 -14.92
N VAL B 115 12.31 5.55 -15.31
CA VAL B 115 11.98 5.42 -16.75
C VAL B 115 10.92 6.43 -17.25
N ALA B 116 10.22 7.09 -16.34
CA ALA B 116 9.01 7.81 -16.70
C ALA B 116 9.24 8.99 -17.66
N SER B 117 10.32 9.73 -17.46
CA SER B 117 10.51 10.97 -18.21
C SER B 117 10.82 10.71 -19.68
N GLN B 118 11.62 9.68 -19.95
CA GLN B 118 11.89 9.31 -21.35
C GLN B 118 10.69 8.73 -22.10
N MET B 119 9.80 8.04 -21.37
CA MET B 119 8.54 7.54 -21.96
C MET B 119 7.59 8.69 -22.27
N LYS B 120 7.45 9.63 -21.34
CA LYS B 120 6.69 10.87 -21.61
C LYS B 120 7.21 11.70 -22.81
N ARG B 121 8.53 11.80 -22.95
CA ARG B 121 9.10 12.53 -24.08
C ARG B 121 8.74 11.85 -25.40
N ARG B 122 8.79 10.53 -25.40
CA ARG B 122 8.52 9.78 -26.63
C ARG B 122 7.03 9.57 -26.76
N LYS B 123 6.27 10.07 -25.78
CA LYS B 123 4.82 9.81 -25.68
C LYS B 123 4.45 8.34 -25.96
N SER B 124 5.22 7.42 -25.39
CA SER B 124 5.07 6.01 -25.73
C SER B 124 5.72 5.13 -24.67
N GLY B 125 5.00 4.13 -24.19
CA GLY B 125 5.52 3.24 -23.15
C GLY B 125 4.43 2.43 -22.47
N HIS B 126 4.83 1.31 -21.84
CA HIS B 126 3.92 0.55 -21.01
C HIS B 126 4.66 0.15 -19.74
N ILE B 127 3.95 0.17 -18.60
CA ILE B 127 4.52 -0.14 -17.31
C ILE B 127 3.67 -1.17 -16.58
N ILE B 128 4.29 -2.30 -16.21
CA ILE B 128 3.56 -3.38 -15.57
C ILE B 128 4.26 -3.77 -14.26
N PHE B 129 3.50 -3.73 -13.16
CA PHE B 129 3.96 -4.28 -11.89
C PHE B 129 3.38 -5.69 -11.67
N ILE B 130 4.24 -6.65 -11.36
CA ILE B 130 3.75 -7.93 -10.86
C ILE B 130 3.69 -7.93 -9.33
N THR B 131 2.48 -7.99 -8.79
CA THR B 131 2.26 -7.80 -7.37
C THR B 131 1.81 -9.09 -6.68
N SER B 132 0.57 -9.12 -6.16
CA SER B 132 0.07 -10.34 -5.57
C SER B 132 -1.41 -10.29 -5.25
N ALA B 133 -2.07 -11.43 -5.44
CA ALA B 133 -3.45 -11.63 -4.99
C ALA B 133 -3.59 -11.67 -3.47
N ALA B 134 -2.47 -11.69 -2.76
CA ALA B 134 -2.50 -11.63 -1.30
C ALA B 134 -3.08 -10.33 -0.71
N SER B 135 -2.98 -9.22 -1.44
CA SER B 135 -3.69 -7.99 -1.02
C SER B 135 -5.17 -8.21 -0.70
N PHE B 136 -5.60 -7.71 0.45
CA PHE B 136 -6.97 -7.97 0.93
C PHE B 136 -7.39 -9.41 0.64
N GLY B 137 -6.54 -10.36 1.03
CA GLY B 137 -6.86 -11.78 0.85
C GLY B 137 -7.21 -12.50 2.15
N PRO B 138 -7.38 -13.83 2.08
CA PRO B 138 -7.90 -14.69 3.15
C PRO B 138 -6.89 -15.09 4.21
N TRP B 139 -5.62 -14.72 4.03
CA TRP B 139 -4.54 -15.25 4.87
C TRP B 139 -4.39 -14.58 6.23
N LYS B 140 -3.93 -15.33 7.23
CA LYS B 140 -3.43 -14.72 8.49
C LYS B 140 -1.90 -14.73 8.66
N GLU B 141 -1.42 -13.90 9.59
CA GLU B 141 0.02 -13.72 9.81
C GLU B 141 0.85 -13.48 8.52
N LEU B 142 0.23 -12.85 7.52
CA LEU B 142 0.91 -12.41 6.30
C LEU B 142 0.89 -10.89 6.17
N SER B 143 0.78 -10.19 7.30
CA SER B 143 0.44 -8.79 7.31
C SER B 143 1.42 -7.88 6.56
N THR B 144 2.71 -8.10 6.74
CA THR B 144 3.70 -7.27 6.06
C THR B 144 3.60 -7.43 4.54
N TYR B 145 3.46 -8.67 4.10
CA TYR B 145 3.49 -9.00 2.68
C TYR B 145 2.22 -8.49 1.97
N ALA B 146 1.05 -8.84 2.51
CA ALA B 146 -0.22 -8.42 1.93
C ALA B 146 -0.30 -6.90 1.77
N SER B 147 0.23 -6.15 2.75
CA SER B 147 0.10 -4.69 2.75
C SER B 147 1.11 -4.02 1.80
N ALA B 148 2.35 -4.47 1.81
CA ALA B 148 3.33 -4.02 0.84
C ALA B 148 2.85 -4.24 -0.60
N ARG B 149 2.27 -5.41 -0.87
CA ARG B 149 1.78 -5.73 -2.22
C ARG B 149 0.58 -4.88 -2.63
N ALA B 150 -0.26 -4.57 -1.64
CA ALA B 150 -1.37 -3.66 -1.85
C ALA B 150 -0.90 -2.23 -2.19
N GLY B 151 0.15 -1.77 -1.51
CA GLY B 151 0.78 -0.50 -1.81
C GLY B 151 1.25 -0.46 -3.26
N ALA B 152 1.85 -1.56 -3.70
CA ALA B 152 2.35 -1.62 -5.07
C ALA B 152 1.20 -1.62 -6.09
N SER B 153 0.16 -2.37 -5.81
CA SER B 153 -1.00 -2.35 -6.72
C SER B 153 -1.67 -0.97 -6.87
N ALA B 154 -1.85 -0.27 -5.75
CA ALA B 154 -2.42 1.06 -5.76
C ALA B 154 -1.51 2.05 -6.49
N LEU B 155 -0.21 1.81 -6.48
CA LEU B 155 0.73 2.71 -7.16
C LEU B 155 0.50 2.63 -8.66
N ALA B 156 0.34 1.42 -9.18
CA ALA B 156 -0.01 1.23 -10.59
C ALA B 156 -1.28 1.98 -10.99
N ASN B 157 -2.34 1.84 -10.21
CA ASN B 157 -3.58 2.56 -10.48
C ASN B 157 -3.38 4.08 -10.44
N ALA B 158 -2.77 4.58 -9.37
CA ALA B 158 -2.46 6.02 -9.29
C ALA B 158 -1.64 6.56 -10.46
N LEU B 159 -0.57 5.87 -10.84
CA LEU B 159 0.22 6.36 -11.97
C LEU B 159 -0.55 6.33 -13.30
N SER B 160 -1.40 5.33 -13.49
CA SER B 160 -2.17 5.23 -14.75
C SER B 160 -2.91 6.56 -14.97
N LYS B 161 -3.31 7.20 -13.88
CA LYS B 161 -4.15 8.37 -13.97
C LYS B 161 -3.45 9.63 -14.46
N GLU B 162 -2.14 9.75 -14.19
CA GLU B 162 -1.36 10.91 -14.63
C GLU B 162 -0.63 10.62 -15.93
N LEU B 163 -0.24 9.37 -16.11
CA LEU B 163 0.51 8.99 -17.29
C LEU B 163 -0.38 8.77 -18.53
N GLY B 164 -1.70 8.70 -18.32
CA GLY B 164 -2.64 8.59 -19.44
C GLY B 164 -2.43 9.70 -20.46
N GLU B 165 -2.34 10.91 -19.94
CA GLU B 165 -2.20 12.13 -20.74
C GLU B 165 -0.99 12.07 -21.68
N HIS B 166 0.01 11.28 -21.31
CA HIS B 166 1.22 11.16 -22.12
C HIS B 166 1.21 9.86 -22.88
N ASN B 167 0.04 9.24 -23.00
CA ASN B 167 -0.09 8.02 -23.79
C ASN B 167 0.65 6.80 -23.21
N ILE B 168 0.74 6.72 -21.88
CA ILE B 168 1.48 5.62 -21.22
C ILE B 168 0.57 4.85 -20.27
N PRO B 169 0.15 3.64 -20.68
CA PRO B 169 -0.69 2.75 -19.85
C PRO B 169 0.07 2.13 -18.68
N VAL B 170 -0.59 1.97 -17.53
CA VAL B 170 0.04 1.34 -16.37
C VAL B 170 -0.85 0.25 -15.77
N PHE B 171 -0.24 -0.90 -15.43
CA PHE B 171 -1.01 -2.06 -14.98
C PHE B 171 -0.37 -2.76 -13.76
N ALA B 172 -1.19 -3.44 -12.97
CA ALA B 172 -0.66 -4.43 -12.06
C ALA B 172 -1.25 -5.83 -12.35
N ILE B 173 -0.44 -6.86 -12.16
CA ILE B 173 -0.90 -8.24 -12.25
C ILE B 173 -0.67 -8.91 -10.91
N ALA B 174 -1.75 -9.36 -10.29
CA ALA B 174 -1.73 -9.87 -8.92
C ALA B 174 -2.05 -11.36 -8.96
N PRO B 175 -1.01 -12.21 -8.91
CA PRO B 175 -1.11 -13.67 -9.05
C PRO B 175 -1.34 -14.44 -7.74
N ASN B 176 -1.93 -15.61 -7.85
CA ASN B 176 -1.78 -16.68 -6.86
C ASN B 176 -1.67 -18.00 -7.60
N GLY B 177 -0.94 -18.95 -7.03
CA GLY B 177 -0.86 -20.31 -7.57
C GLY B 177 -0.24 -20.44 -8.96
N VAL B 178 0.68 -19.54 -9.29
CA VAL B 178 1.36 -19.62 -10.58
C VAL B 178 2.66 -20.41 -10.49
N ASP B 179 2.75 -21.51 -11.24
CA ASP B 179 3.95 -22.36 -11.25
C ASP B 179 5.22 -21.54 -11.46
N SER B 180 6.18 -21.68 -10.55
CA SER B 180 7.44 -20.94 -10.69
C SER B 180 8.67 -21.79 -11.02
N GLY B 181 8.44 -23.03 -11.46
CA GLY B 181 9.51 -23.93 -11.88
C GLY B 181 10.45 -24.30 -10.74
N ASP B 182 11.75 -24.13 -10.99
CA ASP B 182 12.76 -24.26 -9.96
C ASP B 182 12.74 -23.16 -8.91
N SER B 183 12.21 -21.99 -9.25
CA SER B 183 12.17 -20.88 -8.28
C SER B 183 11.20 -21.08 -7.12
N PRO B 184 11.63 -20.74 -5.88
CA PRO B 184 10.76 -20.75 -4.70
C PRO B 184 9.82 -19.55 -4.58
N TYR B 185 9.90 -18.60 -5.50
CA TYR B 185 8.93 -17.50 -5.50
C TYR B 185 7.89 -17.76 -6.60
N TYR B 186 6.74 -18.36 -6.31
CA TYR B 186 6.21 -18.59 -4.97
C TYR B 186 5.55 -19.96 -4.91
N TYR B 187 5.45 -20.60 -6.07
CA TYR B 187 4.87 -21.95 -6.14
C TYR B 187 5.77 -22.92 -6.94
N PRO B 188 6.89 -23.36 -6.33
CA PRO B 188 7.86 -24.19 -7.06
C PRO B 188 7.28 -25.58 -7.40
N SER B 189 7.65 -26.09 -8.58
CA SER B 189 7.20 -27.39 -9.08
C SER B 189 7.29 -28.50 -8.03
N GLU B 190 8.43 -28.62 -7.37
CA GLU B 190 8.52 -29.32 -6.10
C GLU B 190 8.24 -28.34 -4.99
N PRO B 191 7.17 -28.54 -4.21
CA PRO B 191 6.33 -29.72 -4.19
C PRO B 191 4.98 -29.58 -4.89
N TRP B 192 4.66 -28.38 -5.39
CA TRP B 192 3.28 -28.06 -5.75
C TRP B 192 2.73 -28.93 -6.86
N LYS B 193 3.61 -29.37 -7.75
CA LYS B 193 3.22 -30.28 -8.81
C LYS B 193 3.27 -31.77 -8.46
N THR B 194 3.95 -32.13 -7.37
CA THR B 194 4.37 -33.53 -7.15
C THR B 194 3.85 -34.16 -5.86
N SER B 195 3.87 -33.39 -4.78
CA SER B 195 3.37 -33.87 -3.50
C SER B 195 1.84 -33.99 -3.51
N PRO B 196 1.32 -35.22 -3.35
CA PRO B 196 -0.12 -35.50 -3.29
C PRO B 196 -0.93 -34.52 -2.47
N GLU B 197 -0.39 -34.08 -1.33
CA GLU B 197 -1.16 -33.24 -0.42
C GLU B 197 -1.24 -31.77 -0.87
N HIS B 198 -0.26 -31.32 -1.62
CA HIS B 198 -0.31 -29.98 -2.19
C HIS B 198 -1.24 -29.95 -3.40
N VAL B 199 -1.09 -30.95 -4.27
CA VAL B 199 -1.90 -31.09 -5.45
C VAL B 199 -3.39 -31.04 -5.11
N ALA B 200 -3.72 -31.56 -3.94
CA ALA B 200 -5.10 -31.66 -3.51
C ALA B 200 -5.59 -30.36 -2.90
N TRP B 201 -4.71 -29.64 -2.22
CA TRP B 201 -5.05 -28.32 -1.71
C TRP B 201 -5.36 -27.33 -2.84
N VAL B 202 -4.52 -27.32 -3.87
CA VAL B 202 -4.76 -26.52 -5.07
C VAL B 202 -6.09 -26.90 -5.73
N ARG B 203 -6.33 -28.20 -5.84
CA ARG B 203 -7.56 -28.75 -6.42
C ARG B 203 -8.82 -28.36 -5.64
N LYS B 204 -8.69 -28.09 -4.35
CA LYS B 204 -9.86 -27.82 -3.52
C LYS B 204 -10.24 -26.33 -3.43
N TYR B 205 -9.24 -25.46 -3.33
CA TYR B 205 -9.46 -24.05 -3.00
C TYR B 205 -9.38 -23.12 -4.22
N THR B 206 -9.12 -23.67 -5.40
CA THR B 206 -9.17 -22.88 -6.62
C THR B 206 -10.16 -23.43 -7.63
N ALA B 207 -10.81 -22.53 -8.37
CA ALA B 207 -11.94 -22.90 -9.20
C ALA B 207 -11.57 -23.76 -10.39
N LEU B 208 -10.44 -23.45 -11.04
CA LEU B 208 -9.99 -24.23 -12.18
C LEU B 208 -9.23 -25.50 -11.73
N GLN B 209 -8.93 -25.57 -10.43
CA GLN B 209 -8.47 -26.81 -9.81
C GLN B 209 -7.11 -27.17 -10.32
N ARG B 210 -6.24 -26.18 -10.45
CA ARG B 210 -4.89 -26.40 -10.98
C ARG B 210 -4.04 -25.16 -10.73
N LEU B 211 -2.76 -25.25 -11.06
CA LEU B 211 -1.88 -24.09 -10.95
C LEU B 211 -1.94 -23.30 -12.27
N GLY B 212 -1.70 -21.99 -12.20
CA GLY B 212 -1.53 -21.20 -13.42
C GLY B 212 -0.17 -21.51 -14.01
N THR B 213 0.04 -21.17 -15.27
CA THR B 213 1.32 -21.44 -15.93
C THR B 213 2.09 -20.16 -16.28
N GLN B 214 3.40 -20.29 -16.43
CA GLN B 214 4.20 -19.22 -16.98
C GLN B 214 3.74 -18.72 -18.35
N LYS B 215 3.26 -19.61 -19.21
CA LYS B 215 2.68 -19.19 -20.48
C LYS B 215 1.45 -18.25 -20.29
N GLU B 216 0.60 -18.50 -19.28
CA GLU B 216 -0.60 -17.70 -19.04
C GLU B 216 -0.23 -16.29 -18.57
N LEU B 217 0.63 -16.24 -17.57
CA LEU B 217 1.27 -15.01 -17.12
C LEU B 217 1.98 -14.24 -18.26
N GLY B 218 2.85 -14.92 -19.00
CA GLY B 218 3.55 -14.31 -20.12
C GLY B 218 2.60 -13.79 -21.19
N GLU B 219 1.52 -14.52 -21.45
CA GLU B 219 0.59 -14.15 -22.49
C GLU B 219 -0.16 -12.86 -22.08
N LEU B 220 -0.39 -12.68 -20.79
CA LEU B 220 -1.08 -11.49 -20.31
C LEU B 220 -0.18 -10.27 -20.41
N VAL B 221 1.05 -10.41 -19.94
CA VAL B 221 2.06 -9.34 -20.06
C VAL B 221 2.23 -8.90 -21.51
N THR B 222 2.25 -9.87 -22.43
CA THR B 222 2.52 -9.59 -23.84
C THR B 222 1.35 -8.92 -24.53
N PHE B 223 0.14 -9.32 -24.15
CA PHE B 223 -1.06 -8.65 -24.62
C PHE B 223 -1.14 -7.19 -24.14
N LEU B 224 -1.01 -7.01 -22.82
CA LEU B 224 -0.96 -5.67 -22.24
C LEU B 224 0.07 -4.78 -22.93
N ALA B 225 1.26 -5.30 -23.20
CA ALA B 225 2.34 -4.48 -23.74
C ALA B 225 2.21 -4.23 -25.25
N SER B 226 1.25 -4.89 -25.88
CA SER B 226 1.21 -4.95 -27.34
C SER B 226 0.73 -3.64 -27.95
N GLY B 227 0.03 -2.83 -27.16
CA GLY B 227 -0.60 -1.64 -27.69
C GLY B 227 -2.03 -1.88 -28.16
N SER B 228 -2.55 -3.08 -27.93
CA SER B 228 -3.85 -3.50 -28.52
C SER B 228 -5.05 -3.09 -27.66
N CYS B 229 -4.81 -2.90 -26.37
CA CYS B 229 -5.90 -2.59 -25.46
C CYS B 229 -5.45 -1.63 -24.37
N ASP B 230 -4.89 -0.51 -24.79
CA ASP B 230 -4.39 0.54 -23.88
C ASP B 230 -5.50 1.09 -22.95
N TYR B 231 -6.75 0.92 -23.35
CA TYR B 231 -7.88 1.50 -22.63
C TYR B 231 -8.20 0.79 -21.32
N LEU B 232 -7.53 -0.32 -21.01
CA LEU B 232 -7.65 -0.94 -19.67
C LEU B 232 -6.81 -0.26 -18.61
N THR B 233 -6.02 0.75 -19.00
CA THR B 233 -4.99 1.29 -18.13
C THR B 233 -5.55 1.47 -16.72
N GLY B 234 -4.76 1.14 -15.70
CA GLY B 234 -5.20 1.28 -14.32
C GLY B 234 -5.61 -0.02 -13.68
N GLN B 235 -5.81 -1.05 -14.51
CA GLN B 235 -6.44 -2.29 -14.05
C GLN B 235 -5.47 -3.12 -13.22
N VAL B 236 -5.98 -3.66 -12.12
CA VAL B 236 -5.38 -4.77 -11.39
C VAL B 236 -6.02 -6.09 -11.84
N PHE B 237 -5.25 -6.92 -12.53
CA PHE B 237 -5.69 -8.24 -12.97
C PHE B 237 -5.46 -9.31 -11.90
N TRP B 238 -6.54 -9.99 -11.51
CA TRP B 238 -6.48 -10.99 -10.47
C TRP B 238 -6.21 -12.37 -11.09
N LEU B 239 -4.92 -12.73 -11.17
CA LEU B 239 -4.47 -13.94 -11.88
C LEU B 239 -4.41 -15.13 -10.90
N ALA B 240 -5.58 -15.66 -10.53
CA ALA B 240 -5.67 -16.56 -9.39
C ALA B 240 -6.59 -17.77 -9.64
N GLY B 241 -6.96 -18.02 -10.90
CA GLY B 241 -7.76 -19.21 -11.26
C GLY B 241 -9.00 -19.36 -10.40
N GLY B 242 -9.44 -18.26 -9.79
CA GLY B 242 -10.69 -18.30 -9.04
C GLY B 242 -10.53 -18.45 -7.53
N PHE B 243 -9.30 -18.70 -7.09
CA PHE B 243 -9.00 -18.75 -5.65
C PHE B 243 -9.55 -17.51 -4.95
N PRO B 244 -10.12 -17.69 -3.75
CA PRO B 244 -10.42 -18.96 -3.11
C PRO B 244 -11.84 -19.42 -3.39
N VAL B 245 -12.08 -20.70 -3.18
CA VAL B 245 -13.42 -21.26 -3.17
C VAL B 245 -13.71 -21.96 -1.83
N VAL B 246 -14.95 -21.95 -1.38
CA VAL B 246 -15.31 -22.65 -0.14
C VAL B 246 -16.41 -23.72 -0.30
#